data_6B7C
#
_entry.id   6B7C
#
_cell.length_a   135.050
_cell.length_b   135.050
_cell.length_c   135.050
_cell.angle_alpha   90.000
_cell.angle_beta   90.000
_cell.angle_gamma   90.000
#
_symmetry.space_group_name_H-M   'I 2 3'
#
loop_
_entity.id
_entity.type
_entity.pdbx_description
1 polymer 'Phosphopantetheine adenylyltransferase'
2 non-polymer N-[(1,3-dimethyl-1H-pyrazol-5-yl)methyl]-5-methyl-3H-imidazo[4,5-b]pyridin-2-amine
3 non-polymer 'SULFATE ION'
4 non-polymer DI(HYDROXYETHYL)ETHER
5 non-polymer 'PYROPHOSPHATE 2-'
6 non-polymer 'DIMETHYL SULFOXIDE'
7 water water
#
_entity_poly.entity_id   1
_entity_poly.type   'polypeptide(L)'
_entity_poly.pdbx_seq_one_letter_code
;MQKRAIYPGTFDPITNGHIDIVTRATQMFDHVILAIAASPSKKPMFTLEERVALAQQATAHLGNVEVVGFSDLMANFARN
QHATVLIRGLRAVADFEYEMQLAHMNRHLMPELESVFLMPSKEWSFISSSLVKEVARHQGDVTHFLPENVHQALMAKLAV
DHHHHHH
;
_entity_poly.pdbx_strand_id   A,B
#
loop_
_chem_comp.id
_chem_comp.type
_chem_comp.name
_chem_comp.formula
CWP non-polymer N-[(1,3-dimethyl-1H-pyrazol-5-yl)methyl]-5-methyl-3H-imidazo[4,5-b]pyridin-2-amine 'C13 H16 N6'
DMS non-polymer 'DIMETHYL SULFOXIDE' 'C2 H6 O S'
PEG non-polymer DI(HYDROXYETHYL)ETHER 'C4 H10 O3'
POP non-polymer 'PYROPHOSPHATE 2-' 'H2 O7 P2 -2'
SO4 non-polymer 'SULFATE ION' 'O4 S -2'
#
# COMPACT_ATOMS: atom_id res chain seq x y z
N GLN A 2 -13.70 9.70 10.61
CA GLN A 2 -12.38 9.80 11.25
C GLN A 2 -11.24 9.83 10.23
N LYS A 3 -10.94 8.69 9.60
CA LYS A 3 -9.84 8.61 8.66
C LYS A 3 -10.34 8.98 7.26
N ARG A 4 -9.73 9.99 6.64
CA ARG A 4 -10.11 10.45 5.31
C ARG A 4 -9.01 10.14 4.29
N ALA A 5 -9.40 9.50 3.19
CA ALA A 5 -8.47 9.11 2.14
C ALA A 5 -8.91 9.68 0.80
N ILE A 6 -7.93 10.02 -0.04
CA ILE A 6 -8.22 10.43 -1.41
C ILE A 6 -7.68 9.37 -2.35
N TYR A 7 -8.40 9.15 -3.45
CA TYR A 7 -8.02 8.19 -4.49
C TYR A 7 -8.02 9.00 -5.78
N PRO A 8 -6.88 9.58 -6.15
CA PRO A 8 -6.86 10.47 -7.31
C PRO A 8 -6.51 9.75 -8.60
N GLY A 9 -6.98 10.31 -9.70
CA GLY A 9 -6.69 9.71 -11.00
C GLY A 9 -7.36 10.50 -12.10
N THR A 10 -7.14 10.05 -13.33
CA THR A 10 -7.81 10.64 -14.49
C THR A 10 -9.16 9.99 -14.77
N PHE A 11 -9.29 8.69 -14.50
CA PHE A 11 -10.54 7.95 -14.65
C PHE A 11 -11.23 8.26 -15.99
N ASP A 12 -10.52 7.98 -17.07
CA ASP A 12 -10.93 8.35 -18.44
C ASP A 12 -11.06 7.12 -19.33
N PRO A 13 -12.08 6.29 -19.14
CA PRO A 13 -13.12 6.32 -18.12
C PRO A 13 -12.79 5.42 -16.94
N ILE A 14 -13.60 5.49 -15.89
CA ILE A 14 -13.43 4.59 -14.75
C ILE A 14 -13.68 3.16 -15.22
N THR A 15 -12.83 2.23 -14.77
CA THR A 15 -12.91 0.82 -15.13
C THR A 15 -13.24 -0.02 -13.91
N ASN A 16 -13.43 -1.31 -14.15
CA ASN A 16 -13.66 -2.21 -13.02
C ASN A 16 -12.43 -2.35 -12.15
N GLY A 17 -11.22 -2.11 -12.68
CA GLY A 17 -10.05 -2.05 -11.83
C GLY A 17 -10.11 -0.90 -10.84
N HIS A 18 -10.59 0.25 -11.29
CA HIS A 18 -10.77 1.37 -10.36
C HIS A 18 -11.84 1.06 -9.33
N ILE A 19 -12.95 0.45 -9.75
CA ILE A 19 -14.03 0.10 -8.81
C ILE A 19 -13.50 -0.84 -7.74
N ASP A 20 -12.67 -1.81 -8.16
CA ASP A 20 -12.07 -2.74 -7.21
CA ASP A 20 -12.08 -2.73 -7.20
C ASP A 20 -11.23 -1.98 -6.18
N ILE A 21 -10.36 -1.09 -6.65
CA ILE A 21 -9.48 -0.35 -5.73
C ILE A 21 -10.31 0.51 -4.78
N VAL A 22 -11.28 1.28 -5.30
CA VAL A 22 -12.02 2.17 -4.41
C VAL A 22 -12.88 1.38 -3.44
N THR A 23 -13.40 0.22 -3.87
CA THR A 23 -14.17 -0.60 -2.95
C THR A 23 -13.28 -1.10 -1.83
N ARG A 24 -12.07 -1.54 -2.16
CA ARG A 24 -11.14 -1.96 -1.10
C ARG A 24 -10.81 -0.82 -0.16
N ALA A 25 -10.63 0.39 -0.71
CA ALA A 25 -10.33 1.53 0.15
C ALA A 25 -11.48 1.83 1.11
N THR A 26 -12.73 1.68 0.65
CA THR A 26 -13.88 1.98 1.52
C THR A 26 -14.03 0.99 2.65
N GLN A 27 -13.47 -0.21 2.49
CA GLN A 27 -13.45 -1.19 3.57
CA GLN A 27 -13.47 -1.18 3.57
C GLN A 27 -12.35 -0.93 4.58
N MET A 28 -11.44 0.00 4.30
CA MET A 28 -10.32 0.33 5.16
C MET A 28 -10.47 1.66 5.87
N PHE A 29 -11.05 2.65 5.20
CA PHE A 29 -11.09 4.00 5.70
C PHE A 29 -12.53 4.53 5.77
N ASP A 30 -12.76 5.46 6.70
CA ASP A 30 -14.13 5.92 6.94
CA ASP A 30 -14.12 5.93 6.96
C ASP A 30 -14.72 6.68 5.76
N HIS A 31 -13.90 7.48 5.07
CA HIS A 31 -14.40 8.30 3.99
C HIS A 31 -13.35 8.30 2.89
N VAL A 32 -13.76 8.00 1.65
CA VAL A 32 -12.85 7.95 0.51
C VAL A 32 -13.35 8.96 -0.52
N ILE A 33 -12.47 9.87 -0.93
CA ILE A 33 -12.77 10.83 -1.97
C ILE A 33 -12.15 10.32 -3.25
N LEU A 34 -12.99 9.95 -4.23
CA LEU A 34 -12.52 9.58 -5.55
C LEU A 34 -12.34 10.88 -6.32
N ALA A 35 -11.10 11.24 -6.58
CA ALA A 35 -10.74 12.58 -7.02
C ALA A 35 -10.32 12.53 -8.48
N ILE A 36 -11.09 13.20 -9.36
CA ILE A 36 -10.89 13.13 -10.81
C ILE A 36 -10.20 14.40 -11.28
N ALA A 37 -9.02 14.24 -11.88
CA ALA A 37 -8.24 15.40 -12.33
C ALA A 37 -8.90 16.09 -13.51
N ALA A 38 -9.04 17.42 -13.41
CA ALA A 38 -9.83 18.20 -14.37
C ALA A 38 -9.17 18.36 -15.73
N SER A 39 -7.87 18.69 -15.77
CA SER A 39 -7.17 19.07 -17.00
C SER A 39 -5.98 18.15 -17.24
N PRO A 40 -6.21 16.92 -17.70
CA PRO A 40 -5.08 16.00 -17.95
C PRO A 40 -4.10 16.54 -18.98
N SER A 41 -2.86 16.04 -18.89
CA SER A 41 -1.81 16.48 -19.80
C SER A 41 -2.17 16.12 -21.24
N LYS A 42 -2.74 14.93 -21.44
CA LYS A 42 -3.25 14.50 -22.74
C LYS A 42 -4.76 14.61 -22.72
N LYS A 43 -5.31 15.28 -23.73
CA LYS A 43 -6.75 15.49 -23.86
C LYS A 43 -7.51 14.19 -23.63
N PRO A 44 -8.27 14.10 -22.55
CA PRO A 44 -9.02 12.87 -22.25
C PRO A 44 -10.13 12.63 -23.26
N MET A 45 -10.49 11.34 -23.42
CA MET A 45 -11.60 10.99 -24.28
C MET A 45 -12.93 11.55 -23.76
N PHE A 46 -13.14 11.48 -22.45
CA PHE A 46 -14.34 11.99 -21.81
C PHE A 46 -14.05 13.31 -21.11
N THR A 47 -14.99 14.25 -21.20
CA THR A 47 -14.83 15.51 -20.49
C THR A 47 -14.86 15.27 -18.98
N LEU A 48 -14.40 16.27 -18.23
CA LEU A 48 -14.46 16.14 -16.78
C LEU A 48 -15.89 15.89 -16.31
N GLU A 49 -16.86 16.64 -16.85
CA GLU A 49 -18.24 16.42 -16.41
C GLU A 49 -18.70 14.99 -16.70
N GLU A 50 -18.30 14.43 -17.85
CA GLU A 50 -18.67 13.06 -18.18
C GLU A 50 -18.01 12.08 -17.21
N ARG A 51 -16.70 12.25 -16.98
CA ARG A 51 -15.96 11.35 -16.10
C ARG A 51 -16.52 11.35 -14.68
N VAL A 52 -16.87 12.53 -14.16
CA VAL A 52 -17.47 12.61 -12.83
C VAL A 52 -18.84 11.92 -12.80
N ALA A 53 -19.68 12.17 -13.81
CA ALA A 53 -21.00 11.55 -13.80
C ALA A 53 -20.89 10.03 -13.89
N LEU A 54 -20.00 9.54 -14.75
CA LEU A 54 -19.84 8.09 -14.89
C LEU A 54 -19.34 7.47 -13.59
N ALA A 55 -18.38 8.12 -12.94
CA ALA A 55 -17.83 7.58 -11.70
C ALA A 55 -18.84 7.62 -10.56
N GLN A 56 -19.64 8.69 -10.50
CA GLN A 56 -20.68 8.77 -9.47
C GLN A 56 -21.67 7.64 -9.61
N GLN A 57 -22.16 7.40 -10.83
CA GLN A 57 -23.10 6.30 -11.04
C GLN A 57 -22.47 4.96 -10.71
N ALA A 58 -21.21 4.76 -11.11
CA ALA A 58 -20.58 3.47 -10.90
C ALA A 58 -20.19 3.21 -9.45
N THR A 59 -20.17 4.25 -8.61
CA THR A 59 -19.85 4.09 -7.19
C THR A 59 -21.02 4.42 -6.26
N ALA A 60 -22.20 4.70 -6.82
CA ALA A 60 -23.37 5.08 -6.01
C ALA A 60 -23.69 4.07 -4.92
N HIS A 61 -23.37 2.78 -5.14
CA HIS A 61 -23.66 1.74 -4.16
C HIS A 61 -22.71 1.75 -2.96
N LEU A 62 -21.67 2.58 -2.97
CA LEU A 62 -20.70 2.66 -1.88
C LEU A 62 -21.01 3.90 -1.04
N GLY A 63 -21.43 3.69 0.20
CA GLY A 63 -21.99 4.80 0.97
C GLY A 63 -20.96 5.81 1.42
N ASN A 64 -19.69 5.43 1.51
CA ASN A 64 -18.68 6.33 2.04
C ASN A 64 -17.68 6.79 0.98
N VAL A 65 -18.10 6.80 -0.30
CA VAL A 65 -17.32 7.37 -1.38
C VAL A 65 -17.92 8.71 -1.77
N GLU A 66 -17.06 9.67 -2.09
CA GLU A 66 -17.45 10.97 -2.59
C GLU A 66 -16.64 11.24 -3.85
N VAL A 67 -17.29 11.46 -5.00
CA VAL A 67 -16.58 11.75 -6.25
C VAL A 67 -16.49 13.27 -6.43
N VAL A 68 -15.27 13.78 -6.61
CA VAL A 68 -14.99 15.22 -6.68
CA VAL A 68 -15.08 15.21 -6.79
C VAL A 68 -13.99 15.48 -7.82
N GLY A 69 -14.24 16.49 -8.64
CA GLY A 69 -13.24 16.94 -9.59
C GLY A 69 -12.27 17.92 -8.95
N PHE A 70 -11.03 17.93 -9.45
CA PHE A 70 -10.02 18.83 -8.91
C PHE A 70 -9.03 19.17 -10.00
N SER A 71 -8.46 20.36 -9.90
CA SER A 71 -7.50 20.84 -10.89
C SER A 71 -6.14 21.20 -10.30
N ASP A 72 -5.90 20.86 -9.03
CA ASP A 72 -4.74 21.27 -8.25
CA ASP A 72 -4.65 21.32 -8.45
C ASP A 72 -3.70 20.15 -8.24
N LEU A 73 -2.57 20.45 -7.62
CA LEU A 73 -1.61 19.46 -7.19
C LEU A 73 -2.30 18.46 -6.27
N MET A 74 -2.03 17.16 -6.46
CA MET A 74 -2.68 16.15 -5.62
C MET A 74 -2.48 16.42 -4.13
N ALA A 75 -1.26 16.81 -3.72
CA ALA A 75 -1.02 17.07 -2.32
C ALA A 75 -1.78 18.30 -1.84
N ASN A 76 -1.87 19.35 -2.68
CA ASN A 76 -2.65 20.53 -2.27
C ASN A 76 -4.11 20.14 -2.06
N PHE A 77 -4.65 19.29 -2.94
CA PHE A 77 -6.03 18.86 -2.81
C PHE A 77 -6.26 18.01 -1.57
N ALA A 78 -5.37 17.04 -1.32
CA ALA A 78 -5.44 16.23 -0.11
C ALA A 78 -5.44 17.11 1.13
N ARG A 79 -4.52 18.08 1.18
CA ARG A 79 -4.43 18.95 2.34
C ARG A 79 -5.74 19.70 2.57
N ASN A 80 -6.29 20.29 1.50
CA ASN A 80 -7.54 21.04 1.65
C ASN A 80 -8.72 20.15 1.99
N GLN A 81 -8.69 18.88 1.59
CA GLN A 81 -9.75 17.94 1.93
C GLN A 81 -9.55 17.29 3.29
N HIS A 82 -8.48 17.66 4.02
CA HIS A 82 -8.20 17.07 5.33
C HIS A 82 -8.04 15.55 5.21
N ALA A 83 -7.46 15.11 4.09
CA ALA A 83 -7.14 13.71 3.90
C ALA A 83 -5.75 13.43 4.43
N THR A 84 -5.58 12.29 5.09
CA THR A 84 -4.26 11.88 5.56
C THR A 84 -3.75 10.64 4.84
N VAL A 85 -4.52 10.09 3.92
CA VAL A 85 -4.13 8.91 3.15
C VAL A 85 -4.37 9.20 1.68
N LEU A 86 -3.38 8.88 0.84
CA LEU A 86 -3.51 8.94 -0.61
C LEU A 86 -3.41 7.50 -1.12
N ILE A 87 -4.48 7.03 -1.77
CA ILE A 87 -4.60 5.66 -2.27
C ILE A 87 -4.07 5.61 -3.70
N ARG A 88 -3.19 4.64 -3.98
CA ARG A 88 -2.74 4.36 -5.33
C ARG A 88 -2.87 2.87 -5.60
N GLY A 89 -3.26 2.51 -6.82
CA GLY A 89 -3.27 1.11 -7.21
C GLY A 89 -1.95 0.76 -7.88
N LEU A 90 -1.46 -0.45 -7.62
CA LEU A 90 -0.20 -0.94 -8.20
C LEU A 90 -0.46 -2.14 -9.09
N ARG A 91 -0.09 -2.03 -10.37
CA ARG A 91 -0.31 -3.11 -11.32
C ARG A 91 0.97 -3.82 -11.75
N ALA A 92 2.01 -3.08 -12.14
CA ALA A 92 3.19 -3.69 -12.74
C ALA A 92 4.43 -2.96 -12.22
N VAL A 93 5.58 -3.30 -12.80
CA VAL A 93 6.84 -2.68 -12.38
C VAL A 93 6.88 -1.22 -12.81
N ALA A 94 6.42 -0.92 -14.03
CA ALA A 94 6.37 0.47 -14.48
C ALA A 94 5.56 1.30 -13.49
N ASP A 95 4.46 0.73 -13.00
CA ASP A 95 3.62 1.41 -12.02
C ASP A 95 4.42 1.71 -10.76
N PHE A 96 5.06 0.66 -10.24
CA PHE A 96 5.79 0.74 -8.99
C PHE A 96 6.87 1.82 -9.01
N GLU A 97 7.65 1.91 -10.09
CA GLU A 97 8.76 2.86 -10.10
C GLU A 97 8.27 4.30 -10.16
N TYR A 98 7.30 4.60 -11.04
CA TYR A 98 6.72 5.93 -11.06
C TYR A 98 6.06 6.26 -9.72
N GLU A 99 5.33 5.29 -9.15
CA GLU A 99 4.66 5.55 -7.88
C GLU A 99 5.66 5.84 -6.76
N MET A 100 6.81 5.16 -6.78
CA MET A 100 7.83 5.44 -5.77
C MET A 100 8.29 6.89 -5.87
N GLN A 101 8.53 7.35 -7.09
CA GLN A 101 8.95 8.73 -7.28
C GLN A 101 7.89 9.71 -6.81
N LEU A 102 6.62 9.45 -7.18
CA LEU A 102 5.54 10.32 -6.75
C LEU A 102 5.40 10.33 -5.24
N ALA A 103 5.55 9.16 -4.61
CA ALA A 103 5.38 9.08 -3.17
C ALA A 103 6.48 9.84 -2.44
N HIS A 104 7.73 9.75 -2.92
CA HIS A 104 8.79 10.54 -2.29
C HIS A 104 8.53 12.02 -2.46
N MET A 105 8.08 12.43 -3.64
CA MET A 105 7.77 13.84 -3.86
C MET A 105 6.62 14.28 -2.96
N ASN A 106 5.55 13.49 -2.88
CA ASN A 106 4.41 13.84 -2.03
C ASN A 106 4.79 13.91 -0.56
N ARG A 107 5.72 13.06 -0.12
CA ARG A 107 6.17 13.16 1.26
C ARG A 107 6.89 14.49 1.50
N HIS A 108 7.65 14.95 0.50
CA HIS A 108 8.24 16.27 0.57
C HIS A 108 7.19 17.36 0.64
N LEU A 109 6.15 17.25 -0.20
CA LEU A 109 5.16 18.32 -0.31
C LEU A 109 4.20 18.33 0.87
N MET A 110 3.85 17.16 1.39
CA MET A 110 2.87 17.05 2.46
C MET A 110 3.27 15.91 3.37
N PRO A 111 4.16 16.17 4.33
CA PRO A 111 4.68 15.09 5.18
C PRO A 111 3.60 14.37 5.97
N GLU A 112 2.48 15.03 6.24
CA GLU A 112 1.42 14.41 7.03
C GLU A 112 0.46 13.58 6.17
N LEU A 113 0.75 13.44 4.89
CA LEU A 113 -0.01 12.56 3.99
C LEU A 113 0.75 11.26 3.79
N GLU A 114 0.09 10.13 4.06
CA GLU A 114 0.69 8.82 3.83
C GLU A 114 0.19 8.26 2.51
N SER A 115 1.10 7.72 1.69
CA SER A 115 0.72 7.04 0.46
C SER A 115 0.55 5.56 0.74
N VAL A 116 -0.62 5.02 0.37
CA VAL A 116 -0.98 3.61 0.60
C VAL A 116 -1.19 2.97 -0.75
N PHE A 117 -0.57 1.82 -0.97
CA PHE A 117 -0.68 1.16 -2.26
C PHE A 117 -1.47 -0.13 -2.11
N LEU A 118 -2.44 -0.32 -2.99
CA LEU A 118 -3.31 -1.47 -3.00
C LEU A 118 -3.12 -2.23 -4.30
N MET A 119 -3.36 -3.52 -4.21
CA MET A 119 -3.20 -4.36 -5.38
C MET A 119 -4.54 -4.79 -5.95
N PRO A 120 -4.70 -4.70 -7.26
CA PRO A 120 -5.97 -5.09 -7.88
C PRO A 120 -6.14 -6.59 -7.85
N SER A 121 -7.39 -7.02 -7.94
CA SER A 121 -7.68 -8.42 -8.17
C SER A 121 -6.95 -8.92 -9.41
N LYS A 122 -6.65 -10.23 -9.44
CA LYS A 122 -6.05 -10.80 -10.64
C LYS A 122 -6.91 -10.49 -11.86
N GLU A 123 -8.22 -10.41 -11.66
CA GLU A 123 -9.12 -10.18 -12.77
C GLU A 123 -8.80 -8.88 -13.52
N TRP A 124 -8.36 -7.84 -12.80
CA TRP A 124 -8.14 -6.52 -13.39
C TRP A 124 -6.68 -6.11 -13.44
N SER A 125 -5.74 -7.00 -13.15
CA SER A 125 -4.34 -6.61 -13.00
CA SER A 125 -4.37 -6.54 -12.98
C SER A 125 -3.69 -6.17 -14.30
N PHE A 126 -4.30 -6.50 -15.44
CA PHE A 126 -3.69 -6.13 -16.72
C PHE A 126 -4.43 -5.04 -17.45
N ILE A 127 -5.48 -4.46 -16.89
CA ILE A 127 -6.21 -3.45 -17.62
C ILE A 127 -5.86 -2.05 -17.14
N SER A 128 -6.11 -1.10 -18.03
CA SER A 128 -5.95 0.32 -17.82
C SER A 128 -7.00 0.98 -18.66
N SER A 129 -7.34 2.23 -18.33
CA SER A 129 -8.27 2.96 -19.20
C SER A 129 -7.72 3.06 -20.61
N SER A 130 -6.40 3.28 -20.73
CA SER A 130 -5.80 3.40 -22.05
CA SER A 130 -5.78 3.39 -22.05
C SER A 130 -5.96 2.12 -22.87
N LEU A 131 -5.71 0.97 -22.26
CA LEU A 131 -5.81 -0.28 -23.01
C LEU A 131 -7.27 -0.54 -23.41
N VAL A 132 -8.20 -0.28 -22.50
CA VAL A 132 -9.61 -0.50 -22.80
C VAL A 132 -10.05 0.39 -23.96
N LYS A 133 -9.65 1.67 -23.94
CA LYS A 133 -10.02 2.56 -25.03
C LYS A 133 -9.41 2.09 -26.35
N GLU A 134 -8.15 1.68 -26.33
CA GLU A 134 -7.49 1.25 -27.56
C GLU A 134 -8.17 0.02 -28.15
N VAL A 135 -8.53 -0.94 -27.30
CA VAL A 135 -9.23 -2.13 -27.79
C VAL A 135 -10.60 -1.76 -28.34
N ALA A 136 -11.35 -0.94 -27.60
CA ALA A 136 -12.68 -0.55 -28.04
C ALA A 136 -12.66 0.25 -29.34
N ARG A 137 -11.71 1.17 -29.48
CA ARG A 137 -11.66 1.97 -30.70
C ARG A 137 -11.34 1.12 -31.92
N HIS A 138 -10.65 -0.01 -31.71
CA HIS A 138 -10.36 -0.98 -32.76
C HIS A 138 -11.39 -2.11 -32.82
N GLN A 139 -12.58 -1.89 -32.27
CA GLN A 139 -13.71 -2.81 -32.43
C GLN A 139 -13.52 -4.12 -31.68
N GLY A 140 -12.86 -4.07 -30.53
CA GLY A 140 -12.80 -5.19 -29.62
C GLY A 140 -13.79 -5.10 -28.46
N ASP A 141 -14.12 -6.26 -27.90
CA ASP A 141 -15.07 -6.41 -26.81
C ASP A 141 -14.42 -6.04 -25.48
N VAL A 142 -14.89 -4.96 -24.83
CA VAL A 142 -14.38 -4.58 -23.52
C VAL A 142 -15.47 -4.59 -22.45
N THR A 143 -16.64 -5.17 -22.75
CA THR A 143 -17.76 -5.16 -21.81
C THR A 143 -17.37 -5.66 -20.43
N HIS A 144 -16.55 -6.70 -20.35
CA HIS A 144 -16.20 -7.31 -19.09
C HIS A 144 -15.44 -6.36 -18.16
N PHE A 145 -14.79 -5.34 -18.70
CA PHE A 145 -13.85 -4.54 -17.93
C PHE A 145 -14.45 -3.25 -17.41
N LEU A 146 -15.72 -2.96 -17.69
CA LEU A 146 -16.31 -1.66 -17.41
C LEU A 146 -17.63 -1.81 -16.69
N PRO A 147 -17.98 -0.84 -15.84
CA PRO A 147 -19.35 -0.77 -15.34
C PRO A 147 -20.30 -0.58 -16.51
N GLU A 148 -21.52 -1.06 -16.35
CA GLU A 148 -22.49 -1.00 -17.45
C GLU A 148 -22.66 0.42 -17.99
N ASN A 149 -22.78 1.40 -17.10
CA ASN A 149 -23.00 2.78 -17.56
C ASN A 149 -21.81 3.28 -18.37
N VAL A 150 -20.59 2.88 -18.00
CA VAL A 150 -19.41 3.28 -18.74
C VAL A 150 -19.36 2.58 -20.09
N HIS A 151 -19.74 1.30 -20.12
CA HIS A 151 -19.82 0.56 -21.37
C HIS A 151 -20.75 1.27 -22.35
N GLN A 152 -21.92 1.69 -21.86
CA GLN A 152 -22.86 2.42 -22.70
C GLN A 152 -22.28 3.74 -23.19
N ALA A 153 -21.65 4.51 -22.29
CA ALA A 153 -21.11 5.81 -22.66
C ALA A 153 -19.96 5.67 -23.65
N LEU A 154 -19.14 4.63 -23.49
CA LEU A 154 -18.02 4.43 -24.40
C LEU A 154 -18.52 4.02 -25.79
N MET A 155 -19.52 3.14 -25.85
CA MET A 155 -20.10 2.80 -27.16
C MET A 155 -20.65 4.03 -27.86
N ALA A 156 -21.32 4.92 -27.12
CA ALA A 156 -21.89 6.10 -27.74
C ALA A 156 -20.81 7.04 -28.25
N LYS A 157 -19.76 7.26 -27.43
CA LYS A 157 -18.63 8.09 -27.84
C LYS A 157 -18.01 7.59 -29.14
N LEU A 158 -17.74 6.29 -29.21
CA LEU A 158 -17.07 5.74 -30.38
C LEU A 158 -17.96 5.68 -31.59
N ALA A 159 -19.27 5.74 -31.41
CA ALA A 159 -20.16 5.66 -32.57
C ALA A 159 -20.15 6.95 -33.37
N VAL A 160 -19.81 8.08 -32.74
CA VAL A 160 -19.74 9.35 -33.46
C VAL A 160 -18.30 9.65 -33.90
N GLN B 2 -10.60 0.53 16.45
CA GLN B 2 -11.35 -0.61 15.95
C GLN B 2 -10.70 -1.23 14.70
N LYS B 3 -9.85 -0.48 13.99
CA LYS B 3 -9.13 -0.99 12.82
C LYS B 3 -7.80 -1.59 13.26
N ARG B 4 -7.62 -2.88 12.99
CA ARG B 4 -6.45 -3.61 13.44
C ARG B 4 -5.62 -4.08 12.26
N ALA B 5 -4.32 -3.81 12.30
CA ALA B 5 -3.40 -4.17 11.23
C ALA B 5 -2.28 -5.03 11.79
N ILE B 6 -1.78 -5.93 10.96
CA ILE B 6 -0.62 -6.73 11.30
CA ILE B 6 -0.62 -6.73 11.30
C ILE B 6 0.52 -6.38 10.35
N TYR B 7 1.74 -6.29 10.90
CA TYR B 7 2.95 -6.00 10.14
C TYR B 7 3.88 -7.19 10.35
N PRO B 8 3.86 -8.17 9.46
CA PRO B 8 4.62 -9.40 9.66
C PRO B 8 5.98 -9.37 8.98
N GLY B 9 6.89 -10.16 9.52
CA GLY B 9 8.24 -10.21 8.96
C GLY B 9 9.08 -11.11 9.83
N THR B 10 10.33 -11.27 9.42
CA THR B 10 11.29 -12.03 10.21
C THR B 10 12.06 -11.16 11.21
N PHE B 11 12.27 -9.87 10.89
CA PHE B 11 12.84 -8.91 11.83
C PHE B 11 14.08 -9.46 12.52
N ASP B 12 15.07 -9.82 11.71
CA ASP B 12 16.27 -10.51 12.15
C ASP B 12 17.54 -9.73 11.79
N PRO B 13 17.80 -8.61 12.48
CA PRO B 13 16.98 -7.98 13.50
C PRO B 13 16.15 -6.84 12.94
N ILE B 14 15.29 -6.28 13.77
CA ILE B 14 14.52 -5.11 13.36
C ILE B 14 15.48 -3.96 13.08
N THR B 15 15.24 -3.25 11.97
CA THR B 15 16.08 -2.14 11.53
C THR B 15 15.31 -0.83 11.63
N ASN B 16 16.00 0.28 11.34
CA ASN B 16 15.30 1.56 11.31
C ASN B 16 14.30 1.65 10.15
N GLY B 17 14.50 0.86 9.09
CA GLY B 17 13.48 0.80 8.04
C GLY B 17 12.18 0.19 8.54
N HIS B 18 12.30 -0.87 9.36
CA HIS B 18 11.11 -1.44 9.98
C HIS B 18 10.47 -0.46 10.95
N ILE B 19 11.29 0.28 11.71
CA ILE B 19 10.73 1.23 12.65
C ILE B 19 9.95 2.30 11.91
N ASP B 20 10.49 2.75 10.77
CA ASP B 20 9.77 3.72 9.98
C ASP B 20 8.41 3.18 9.53
N ILE B 21 8.38 1.96 9.00
CA ILE B 21 7.12 1.38 8.50
C ILE B 21 6.10 1.22 9.62
N VAL B 22 6.51 0.62 10.75
CA VAL B 22 5.54 0.40 11.82
C VAL B 22 5.06 1.73 12.39
N THR B 23 5.94 2.75 12.43
CA THR B 23 5.51 4.07 12.93
C THR B 23 4.43 4.64 12.01
N ARG B 24 4.65 4.57 10.70
CA ARG B 24 3.66 5.04 9.73
CA ARG B 24 3.65 5.05 9.75
C ARG B 24 2.36 4.26 9.86
N ALA B 25 2.45 2.94 10.10
CA ALA B 25 1.24 2.15 10.29
C ALA B 25 0.44 2.61 11.51
N THR B 26 1.12 2.97 12.61
CA THR B 26 0.38 3.40 13.80
C THR B 26 -0.27 4.76 13.62
N GLN B 27 0.19 5.55 12.64
CA GLN B 27 -0.49 6.80 12.36
C GLN B 27 -1.73 6.60 11.49
N MET B 28 -1.93 5.41 10.93
CA MET B 28 -3.08 5.12 10.09
C MET B 28 -4.13 4.27 10.76
N PHE B 29 -3.71 3.35 11.63
CA PHE B 29 -4.58 2.32 12.20
C PHE B 29 -4.53 2.34 13.72
N ASP B 30 -5.65 1.93 14.33
CA ASP B 30 -5.81 2.05 15.78
C ASP B 30 -4.85 1.15 16.54
N HIS B 31 -4.62 -0.06 16.04
CA HIS B 31 -3.79 -1.03 16.74
C HIS B 31 -2.97 -1.76 15.70
N VAL B 32 -1.65 -1.85 15.90
CA VAL B 32 -0.76 -2.53 14.98
C VAL B 32 -0.06 -3.66 15.72
N ILE B 33 -0.16 -4.85 15.16
CA ILE B 33 0.55 -6.01 15.68
C ILE B 33 1.79 -6.19 14.82
N LEU B 34 2.97 -5.98 15.43
CA LEU B 34 4.23 -6.29 14.77
C LEU B 34 4.48 -7.77 15.01
N ALA B 35 4.37 -8.56 13.95
CA ALA B 35 4.29 -10.02 14.06
C ALA B 35 5.58 -10.63 13.56
N ILE B 36 6.31 -11.29 14.45
CA ILE B 36 7.63 -11.80 14.10
C ILE B 36 7.52 -13.28 13.85
N ALA B 37 7.77 -13.70 12.62
CA ALA B 37 7.71 -15.10 12.26
C ALA B 37 8.94 -15.83 12.75
N ALA B 38 8.75 -17.04 13.29
CA ALA B 38 9.89 -17.79 13.80
C ALA B 38 10.92 -18.01 12.69
N SER B 39 10.44 -18.28 11.48
CA SER B 39 11.28 -18.39 10.29
C SER B 39 12.47 -19.36 10.40
N PRO B 40 12.25 -20.61 10.83
CA PRO B 40 13.39 -21.53 10.90
C PRO B 40 14.04 -21.79 9.56
N SER B 41 13.28 -21.73 8.46
CA SER B 41 13.80 -21.95 7.12
C SER B 41 14.85 -20.91 6.72
N LYS B 42 14.85 -19.74 7.35
CA LYS B 42 15.81 -18.70 7.04
C LYS B 42 17.02 -18.70 7.96
N LYS B 43 17.13 -19.68 8.86
CA LYS B 43 18.19 -19.82 9.85
C LYS B 43 18.53 -18.45 10.42
N PRO B 44 17.64 -17.85 11.20
CA PRO B 44 17.90 -16.50 11.69
C PRO B 44 19.07 -16.43 12.65
N MET B 45 19.71 -15.26 12.64
CA MET B 45 20.80 -14.97 13.57
C MET B 45 20.32 -14.91 15.01
N PHE B 46 19.17 -14.28 15.24
CA PHE B 46 18.60 -14.11 16.57
C PHE B 46 17.45 -15.08 16.78
N THR B 47 17.34 -15.61 18.00
CA THR B 47 16.18 -16.46 18.28
C THR B 47 14.91 -15.63 18.23
N LEU B 48 13.77 -16.32 18.13
CA LEU B 48 12.50 -15.61 18.13
C LEU B 48 12.32 -14.78 19.40
N GLU B 49 12.63 -15.36 20.57
CA GLU B 49 12.50 -14.63 21.81
C GLU B 49 13.38 -13.38 21.81
N GLU B 50 14.59 -13.48 21.25
CA GLU B 50 15.47 -12.32 21.18
C GLU B 50 14.88 -11.26 20.26
N ARG B 51 14.42 -11.67 19.08
CA ARG B 51 13.83 -10.74 18.12
C ARG B 51 12.61 -10.04 18.68
N VAL B 52 11.76 -10.79 19.41
CA VAL B 52 10.60 -10.17 20.04
C VAL B 52 11.04 -9.14 21.08
N ALA B 53 12.00 -9.50 21.93
CA ALA B 53 12.45 -8.57 22.95
C ALA B 53 13.09 -7.33 22.33
N LEU B 54 13.89 -7.51 21.29
CA LEU B 54 14.52 -6.35 20.64
C LEU B 54 13.47 -5.44 20.04
N ALA B 55 12.47 -6.03 19.37
CA ALA B 55 11.43 -5.22 18.74
C ALA B 55 10.55 -4.53 19.78
N GLN B 56 10.27 -5.21 20.90
CA GLN B 56 9.50 -4.56 21.96
C GLN B 56 10.20 -3.31 22.47
N GLN B 57 11.50 -3.42 22.77
CA GLN B 57 12.21 -2.26 23.28
C GLN B 57 12.29 -1.16 22.22
N ALA B 58 12.48 -1.54 20.95
CA ALA B 58 12.66 -0.55 19.88
C ALA B 58 11.37 0.16 19.53
N THR B 59 10.22 -0.40 19.90
CA THR B 59 8.93 0.22 19.64
C THR B 59 8.18 0.64 20.90
N ALA B 60 8.83 0.55 22.07
CA ALA B 60 8.18 0.88 23.33
C ALA B 60 7.58 2.29 23.34
N HIS B 61 8.15 3.22 22.57
CA HIS B 61 7.66 4.59 22.51
C HIS B 61 6.37 4.74 21.69
N LEU B 62 5.91 3.69 21.03
CA LEU B 62 4.69 3.71 20.24
C LEU B 62 3.59 3.01 21.02
N GLY B 63 2.55 3.76 21.41
CA GLY B 63 1.58 3.24 22.35
C GLY B 63 0.62 2.20 21.79
N ASN B 64 0.42 2.18 20.47
CA ASN B 64 -0.57 1.27 19.89
C ASN B 64 0.08 0.14 19.09
N VAL B 65 1.32 -0.22 19.44
CA VAL B 65 2.01 -1.37 18.85
C VAL B 65 2.02 -2.50 19.86
N GLU B 66 1.84 -3.72 19.37
CA GLU B 66 1.95 -4.95 20.15
C GLU B 66 2.86 -5.89 19.38
N VAL B 67 3.95 -6.35 20.00
CA VAL B 67 4.89 -7.28 19.35
C VAL B 67 4.57 -8.72 19.76
N VAL B 68 4.41 -9.60 18.77
CA VAL B 68 4.08 -11.00 19.04
CA VAL B 68 4.11 -11.00 19.06
C VAL B 68 4.88 -11.88 18.09
N GLY B 69 5.34 -13.02 18.57
CA GLY B 69 5.96 -14.02 17.71
C GLY B 69 4.94 -15.03 17.24
N PHE B 70 5.17 -15.61 16.07
CA PHE B 70 4.23 -16.61 15.55
C PHE B 70 4.92 -17.57 14.61
N SER B 71 4.35 -18.77 14.50
CA SER B 71 4.80 -19.78 13.56
C SER B 71 3.68 -20.18 12.59
N ASP B 72 2.52 -19.54 12.69
CA ASP B 72 1.36 -19.93 11.91
C ASP B 72 1.46 -19.46 10.46
N LEU B 73 0.61 -20.03 9.62
CA LEU B 73 0.26 -19.40 8.34
C LEU B 73 -0.12 -17.94 8.58
N MET B 74 0.45 -17.03 7.80
CA MET B 74 0.22 -15.64 8.16
CA MET B 74 0.23 -15.59 7.97
C MET B 74 -1.24 -15.22 8.01
N ALA B 75 -2.01 -15.79 7.07
CA ALA B 75 -3.42 -15.43 6.96
C ALA B 75 -4.20 -15.91 8.20
N ASN B 76 -3.88 -17.10 8.71
CA ASN B 76 -4.52 -17.59 9.92
C ASN B 76 -4.17 -16.72 11.11
N PHE B 77 -2.92 -16.31 11.22
CA PHE B 77 -2.54 -15.46 12.34
C PHE B 77 -3.26 -14.12 12.27
N ALA B 78 -3.37 -13.53 11.06
CA ALA B 78 -4.16 -12.30 10.91
C ALA B 78 -5.60 -12.50 11.38
N ARG B 79 -6.25 -13.57 10.92
CA ARG B 79 -7.62 -13.83 11.36
C ARG B 79 -7.70 -13.96 12.87
N ASN B 80 -6.75 -14.68 13.47
CA ASN B 80 -6.78 -14.92 14.91
C ASN B 80 -6.47 -13.66 15.71
N GLN B 81 -5.79 -12.69 15.11
CA GLN B 81 -5.60 -11.38 15.74
C GLN B 81 -6.72 -10.41 15.42
N HIS B 82 -7.76 -10.83 14.69
CA HIS B 82 -8.87 -9.95 14.28
C HIS B 82 -8.36 -8.77 13.47
N ALA B 83 -7.32 -9.00 12.68
CA ALA B 83 -6.78 -7.97 11.80
C ALA B 83 -7.44 -8.06 10.44
N THR B 84 -7.71 -6.89 9.86
CA THR B 84 -8.25 -6.81 8.51
C THR B 84 -7.28 -6.16 7.54
N VAL B 85 -6.10 -5.74 8.02
CA VAL B 85 -5.07 -5.15 7.17
C VAL B 85 -3.75 -5.85 7.45
N LEU B 86 -3.03 -6.17 6.38
CA LEU B 86 -1.68 -6.69 6.46
C LEU B 86 -0.74 -5.68 5.81
N ILE B 87 0.20 -5.14 6.59
CA ILE B 87 1.15 -4.09 6.17
C ILE B 87 2.43 -4.73 5.63
N ARG B 88 2.88 -4.28 4.46
CA ARG B 88 4.21 -4.66 3.95
C ARG B 88 4.92 -3.40 3.48
N GLY B 89 6.22 -3.34 3.68
CA GLY B 89 7.02 -2.25 3.13
C GLY B 89 7.59 -2.69 1.80
N LEU B 90 7.64 -1.75 0.85
CA LEU B 90 8.13 -2.02 -0.50
C LEU B 90 9.40 -1.23 -0.79
N ARG B 91 10.49 -1.91 -1.11
CA ARG B 91 11.77 -1.24 -1.31
C ARG B 91 12.19 -1.16 -2.77
N ALA B 92 12.14 -2.27 -3.49
CA ALA B 92 12.67 -2.32 -4.84
C ALA B 92 11.72 -3.16 -5.71
N VAL B 93 12.14 -3.42 -6.94
CA VAL B 93 11.31 -4.22 -7.85
C VAL B 93 11.26 -5.67 -7.40
N ALA B 94 12.38 -6.20 -6.89
CA ALA B 94 12.43 -7.60 -6.49
C ALA B 94 11.38 -7.95 -5.42
N ASP B 95 11.33 -7.18 -4.33
CA ASP B 95 10.31 -7.49 -3.32
C ASP B 95 8.91 -7.22 -3.86
N PHE B 96 8.74 -6.14 -4.64
CA PHE B 96 7.44 -5.83 -5.20
C PHE B 96 6.82 -7.03 -5.92
N GLU B 97 7.61 -7.74 -6.73
CA GLU B 97 7.06 -8.88 -7.45
C GLU B 97 6.70 -10.02 -6.50
N TYR B 98 7.59 -10.32 -5.55
CA TYR B 98 7.29 -11.32 -4.55
C TYR B 98 6.08 -10.92 -3.70
N GLU B 99 6.02 -9.63 -3.29
CA GLU B 99 4.89 -9.17 -2.49
C GLU B 99 3.58 -9.30 -3.24
N MET B 100 3.60 -9.06 -4.56
CA MET B 100 2.39 -9.27 -5.34
C MET B 100 1.96 -10.73 -5.29
N GLN B 101 2.90 -11.67 -5.40
CA GLN B 101 2.51 -13.09 -5.33
C GLN B 101 1.94 -13.44 -3.97
N LEU B 102 2.61 -12.99 -2.90
CA LEU B 102 2.14 -13.28 -1.55
C LEU B 102 0.76 -12.67 -1.31
N ALA B 103 0.54 -11.46 -1.83
CA ALA B 103 -0.74 -10.81 -1.62
C ALA B 103 -1.86 -11.54 -2.34
N HIS B 104 -1.60 -12.03 -3.57
CA HIS B 104 -2.62 -12.83 -4.24
C HIS B 104 -2.90 -14.12 -3.51
N MET B 105 -1.86 -14.78 -2.98
CA MET B 105 -2.09 -15.99 -2.21
C MET B 105 -2.88 -15.68 -0.93
N ASN B 106 -2.49 -14.62 -0.22
CA ASN B 106 -3.20 -14.27 1.01
C ASN B 106 -4.66 -13.91 0.75
N ARG B 107 -4.93 -13.30 -0.41
CA ARG B 107 -6.31 -12.97 -0.77
C ARG B 107 -7.12 -14.25 -0.99
N HIS B 108 -6.48 -15.27 -1.56
CA HIS B 108 -7.14 -16.57 -1.71
C HIS B 108 -7.47 -17.17 -0.34
N LEU B 109 -6.53 -17.12 0.60
CA LEU B 109 -6.67 -17.73 1.92
C LEU B 109 -7.59 -16.95 2.85
N MET B 110 -7.60 -15.62 2.72
CA MET B 110 -8.39 -14.75 3.61
C MET B 110 -8.82 -13.53 2.79
N PRO B 111 -9.92 -13.63 2.04
CA PRO B 111 -10.30 -12.54 1.13
C PRO B 111 -10.56 -11.21 1.81
N GLU B 112 -10.97 -11.21 3.07
CA GLU B 112 -11.28 -9.94 3.74
C GLU B 112 -10.05 -9.31 4.38
N LEU B 113 -8.88 -9.91 4.23
CA LEU B 113 -7.64 -9.32 4.70
C LEU B 113 -7.08 -8.52 3.54
N GLU B 114 -6.91 -7.21 3.76
CA GLU B 114 -6.40 -6.36 2.69
C GLU B 114 -4.92 -6.16 2.91
N SER B 115 -4.12 -6.36 1.86
CA SER B 115 -2.71 -6.08 1.92
C SER B 115 -2.49 -4.63 1.51
N VAL B 116 -1.78 -3.88 2.35
CA VAL B 116 -1.49 -2.48 2.05
C VAL B 116 0.01 -2.32 2.07
N PHE B 117 0.53 -1.61 1.09
CA PHE B 117 1.96 -1.46 0.93
C PHE B 117 2.36 -0.02 1.18
N LEU B 118 3.44 0.14 1.93
CA LEU B 118 3.98 1.45 2.23
C LEU B 118 5.37 1.56 1.61
N MET B 119 5.72 2.77 1.21
CA MET B 119 7.03 2.95 0.61
C MET B 119 7.98 3.52 1.66
N PRO B 120 9.22 3.07 1.75
CA PRO B 120 10.10 3.56 2.81
C PRO B 120 10.56 4.98 2.55
N SER B 121 10.97 5.61 3.64
CA SER B 121 11.68 6.88 3.58
C SER B 121 12.94 6.72 2.72
N LYS B 122 13.37 7.82 2.09
CA LYS B 122 14.60 7.79 1.32
C LYS B 122 15.77 7.32 2.16
N GLU B 123 15.77 7.65 3.45
CA GLU B 123 16.88 7.30 4.33
C GLU B 123 17.09 5.79 4.41
N TRP B 124 16.01 5.01 4.38
CA TRP B 124 16.06 3.58 4.61
C TRP B 124 15.72 2.76 3.38
N SER B 125 15.64 3.38 2.20
CA SER B 125 15.13 2.68 1.02
CA SER B 125 15.12 2.65 1.06
C SER B 125 16.09 1.62 0.51
N PHE B 126 17.34 1.62 0.97
CA PHE B 126 18.35 0.70 0.46
CA PHE B 126 18.32 0.69 0.45
C PHE B 126 18.84 -0.30 1.50
N ILE B 127 18.25 -0.30 2.68
CA ILE B 127 18.74 -1.21 3.71
C ILE B 127 17.79 -2.39 3.88
N SER B 128 18.35 -3.46 4.43
CA SER B 128 17.65 -4.68 4.78
C SER B 128 18.37 -5.27 5.98
N SER B 129 17.70 -6.17 6.69
CA SER B 129 18.40 -6.87 7.76
C SER B 129 19.61 -7.61 7.22
N SER B 130 19.47 -8.23 6.05
CA SER B 130 20.56 -9.02 5.48
CA SER B 130 20.56 -9.02 5.49
C SER B 130 21.77 -8.15 5.18
N LEU B 131 21.54 -6.98 4.56
CA LEU B 131 22.66 -6.10 4.23
C LEU B 131 23.35 -5.59 5.50
N VAL B 132 22.57 -5.22 6.52
CA VAL B 132 23.17 -4.73 7.77
C VAL B 132 24.00 -5.82 8.43
N LYS B 133 23.51 -7.05 8.46
CA LYS B 133 24.29 -8.14 9.02
C LYS B 133 25.57 -8.37 8.23
N GLU B 134 25.49 -8.30 6.91
CA GLU B 134 26.66 -8.52 6.08
C GLU B 134 27.73 -7.46 6.34
N VAL B 135 27.32 -6.20 6.48
CA VAL B 135 28.28 -5.13 6.78
C VAL B 135 28.87 -5.34 8.17
N ALA B 136 28.02 -5.62 9.16
CA ALA B 136 28.51 -5.82 10.52
C ALA B 136 29.47 -7.01 10.63
N ARG B 137 29.20 -8.09 9.87
CA ARG B 137 30.06 -9.26 9.91
C ARG B 137 31.47 -8.94 9.42
N HIS B 138 31.62 -7.91 8.59
CA HIS B 138 32.91 -7.43 8.17
C HIS B 138 33.37 -6.21 8.94
N GLN B 139 32.77 -5.97 10.11
CA GLN B 139 33.20 -4.93 11.04
C GLN B 139 32.97 -3.53 10.48
N GLY B 140 31.97 -3.37 9.61
CA GLY B 140 31.57 -2.06 9.16
C GLY B 140 30.53 -1.44 10.08
N ASP B 141 30.49 -0.11 10.10
CA ASP B 141 29.67 0.65 11.03
C ASP B 141 28.21 0.63 10.57
N VAL B 142 27.33 0.03 11.37
CA VAL B 142 25.91 0.03 11.07
C VAL B 142 25.10 0.75 12.14
N THR B 143 25.74 1.59 12.97
CA THR B 143 24.98 2.31 14.00
C THR B 143 23.86 3.17 13.42
N HIS B 144 24.03 3.70 12.21
CA HIS B 144 23.03 4.60 11.65
C HIS B 144 21.73 3.87 11.32
N PHE B 145 21.78 2.57 11.14
CA PHE B 145 20.67 1.81 10.56
C PHE B 145 19.85 1.03 11.56
N LEU B 146 20.22 1.03 12.84
CA LEU B 146 19.59 0.17 13.83
C LEU B 146 19.22 0.96 15.08
N PRO B 147 18.14 0.57 15.75
CA PRO B 147 17.88 1.13 17.09
C PRO B 147 19.05 0.80 17.99
N GLU B 148 19.28 1.66 19.00
CA GLU B 148 20.46 1.50 19.84
C GLU B 148 20.52 0.11 20.47
N ASN B 149 19.40 -0.35 21.03
CA ASN B 149 19.38 -1.67 21.67
C ASN B 149 19.69 -2.77 20.67
N VAL B 150 19.23 -2.62 19.42
CA VAL B 150 19.49 -3.63 18.42
C VAL B 150 20.97 -3.62 18.02
N HIS B 151 21.55 -2.43 17.87
CA HIS B 151 22.95 -2.38 17.49
C HIS B 151 23.81 -3.04 18.56
N GLN B 152 23.54 -2.74 19.84
CA GLN B 152 24.28 -3.40 20.93
C GLN B 152 24.17 -4.91 20.85
N ALA B 153 22.94 -5.41 20.64
CA ALA B 153 22.73 -6.85 20.56
C ALA B 153 23.44 -7.47 19.37
N LEU B 154 23.47 -6.77 18.24
CA LEU B 154 24.15 -7.30 17.07
C LEU B 154 25.67 -7.35 17.30
N MET B 155 26.23 -6.30 17.89
CA MET B 155 27.65 -6.32 18.19
C MET B 155 27.99 -7.47 19.13
N ALA B 156 27.15 -7.69 20.13
CA ALA B 156 27.39 -8.75 21.09
C ALA B 156 27.30 -10.13 20.44
N LYS B 157 26.26 -10.34 19.63
CA LYS B 157 26.13 -11.61 18.91
C LYS B 157 27.37 -11.92 18.10
N LEU B 158 27.89 -10.93 17.36
CA LEU B 158 29.04 -11.14 16.50
C LEU B 158 30.35 -11.25 17.26
N ALA B 159 30.37 -10.81 18.51
CA ALA B 159 31.57 -10.92 19.34
C ALA B 159 31.78 -12.33 19.84
N VAL B 160 30.74 -13.16 19.82
CA VAL B 160 30.82 -14.53 20.28
C VAL B 160 31.14 -15.45 19.11
C1 CWP C . -0.83 16.77 -10.10
C3 CWP C . 0.81 16.09 -8.91
C12 CWP C . -3.01 15.73 -11.95
C13 CWP C . -3.24 14.82 -10.99
C14 CWP C . -3.69 13.62 -11.71
C16 CWP C . -3.22 15.85 -14.41
C17 CWP C . -4.07 12.30 -11.15
C18 CWP C . -2.54 17.14 -11.74
C10 CWP C . 3.77 14.84 -7.13
C4 CWP C . 1.10 15.89 -10.24
C7 CWP C . 2.83 15.21 -8.28
C8 CWP C . 3.18 14.99 -9.62
C9 CWP C . 2.31 15.33 -10.65
N11 CWP C . -3.31 15.20 -13.11
N15 CWP C . -3.71 13.93 -12.94
N19 CWP C . -1.99 17.27 -10.39
N2 CWP C . -0.42 16.64 -8.91
N5 CWP C . 0.04 16.32 -10.96
N6 CWP C . 1.66 15.77 -7.93
S SO4 D . -7.93 -11.95 -6.55
O1 SO4 D . -7.78 -12.67 -7.81
O2 SO4 D . -7.96 -12.91 -5.44
O3 SO4 D . -6.82 -11.03 -6.37
O4 SO4 D . -9.21 -11.22 -6.55
S SO4 E . -4.08 3.12 -34.17
O1 SO4 E . -4.52 2.14 -35.17
O2 SO4 E . -2.68 3.46 -34.28
O3 SO4 E . -4.88 4.34 -34.34
O4 SO4 E . -4.14 2.63 -32.82
C1 PEG F . -10.81 16.97 9.57
O1 PEG F . -10.07 17.83 10.39
C2 PEG F . -12.20 17.55 9.36
O2 PEG F . -12.40 17.78 7.99
C3 PEG F . -13.40 16.98 7.42
C4 PEG F . -14.08 17.76 6.29
O4 PEG F . -13.14 18.53 5.62
P1 POP G . -5.57 3.97 -15.29
O1 POP G . -4.37 4.14 -16.19
O2 POP G . -6.55 2.99 -15.90
O3 POP G . -5.11 3.42 -13.97
O POP G . -6.27 5.42 -15.07
P2 POP G . -6.01 6.42 -13.81
O4 POP G . -5.79 5.65 -12.54
O5 POP G . -4.79 7.28 -14.08
O6 POP G . -7.20 7.32 -13.66
S DMS H . 0.13 11.73 -12.28
O DMS H . -1.08 11.31 -13.05
C1 DMS H . 1.09 12.92 -13.24
C2 DMS H . -0.37 12.86 -10.96
C1 CWP I . 3.95 -18.25 6.43
C3 CWP I . 2.70 -17.79 4.75
C12 CWP I . 6.15 -16.80 7.81
C13 CWP I . 5.38 -15.70 7.82
C14 CWP I . 6.31 -14.59 7.53
C16 CWP I . 8.54 -17.34 7.48
C17 CWP I . 5.99 -13.12 7.41
C18 CWP I . 5.69 -18.21 8.08
C10 CWP I . 0.79 -17.04 1.69
C4 CWP I . 3.97 -18.11 4.30
C7 CWP I . 1.95 -17.43 2.60
C8 CWP I . 3.22 -17.75 2.09
C9 CWP I . 4.27 -18.11 2.93
N11 CWP I . 7.39 -16.45 7.57
N15 CWP I . 7.46 -15.12 7.41
N19 CWP I . 4.29 -18.42 7.69
N2 CWP I . 2.78 -17.91 6.09
N5 CWP I . 4.73 -18.41 5.39
N6 CWP I . 1.72 -17.45 3.91
S SO4 J . 9.28 -21.30 7.88
O1 SO4 J . 8.87 -21.17 6.50
O2 SO4 J . 9.46 -22.71 8.21
O3 SO4 J . 10.55 -20.60 8.10
O4 SO4 J . 8.28 -20.74 8.77
S SO4 K . 11.47 10.76 2.87
O1 SO4 K . 10.68 9.73 2.20
O2 SO4 K . 12.84 10.68 2.41
O3 SO4 K . 10.91 12.07 2.57
O4 SO4 K . 11.47 10.55 4.33
C1 PEG L . 15.81 6.14 13.53
O1 PEG L . 16.00 7.52 13.34
C2 PEG L . 14.32 5.82 13.36
O2 PEG L . 13.84 6.51 12.23
C3 PEG L . 12.62 6.01 11.74
C4 PEG L . 11.90 7.11 10.96
O4 PEG L . 12.45 7.22 9.67
C1 PEG M . -8.56 -8.96 19.90
O1 PEG M . -9.23 -10.20 19.93
C2 PEG M . -9.60 -7.85 19.97
O2 PEG M . -10.14 -7.66 18.69
C3 PEG M . -11.53 -7.42 18.70
C4 PEG M . -11.93 -6.91 17.33
O4 PEG M . -12.98 -7.73 16.85
P1 POP N . 13.94 -7.22 5.71
O1 POP N . 14.53 -7.73 4.43
O2 POP N . 15.00 -6.46 6.47
O3 POP N . 12.83 -6.26 5.38
O POP N . 13.39 -8.49 6.58
P2 POP N . 11.86 -8.77 7.05
O4 POP N . 11.36 -10.10 6.52
O5 POP N . 10.94 -7.67 6.56
O6 POP N . 11.78 -8.80 8.55
S DMS O . 7.65 -14.18 3.33
O DMS O . 7.68 -13.18 4.44
C1 DMS O . 9.33 -14.60 2.80
C2 DMS O . 7.07 -15.78 3.96
S DMS P . -5.52 6.13 13.88
O DMS P . -6.82 5.74 14.51
C1 DMS P . -5.35 7.92 14.01
C2 DMS P . -4.16 5.63 14.96
#